data_8X7Q
#
_entry.id   8X7Q
#
loop_
_entity.id
_entity.type
_entity.pdbx_description
1 polymer Alpha-synuclein
2 non-polymer "3''',4'-bis(carboxymethyl)-2,2':5',2'':5'',2''':5''',2''''-quinquethiophene-5,5''''-dicarboxylic acid"
#
_entity_poly.entity_id   1
_entity_poly.type   'polypeptide(L)'
_entity_poly.pdbx_seq_one_letter_code
;MDVFMKGLSKAKEGVVAAAEKTKQGVAEAAGKTKEGVLYVGSKTKKGVVHGVATVAEKTKEQVTNVGGAVVTGVTAVAQK
TVEGAGSIAAATGFVKKDQLGKNEEGAPQEGILEDMPVDPDNEAYEMPSEEGYQDYEPEA
;
_entity_poly.pdbx_strand_id   A,B,C,D,E,F,G,H,I,J
#
loop_
_chem_comp.id
_chem_comp.type
_chem_comp.name
_chem_comp.formula
3LS non-polymer '3''',4'-bis(carboxymethyl)-2,2':5',2'':5'',2''':5''',2''''-quinquethiophene-5,5''''-dicarboxylic acid' 'C26 H16 O8 S5'
#
# COMPACT_ATOMS: atom_id res chain seq x y z
N LYS A 45 -3.60 -35.91 28.49
CA LYS A 45 -3.85 -34.54 28.91
C LYS A 45 -5.33 -34.31 29.14
N LYS A 46 -5.67 -33.20 29.77
CA LYS A 46 -7.04 -32.88 30.10
C LYS A 46 -7.28 -31.40 29.89
N GLY A 47 -8.44 -31.05 29.34
CA GLY A 47 -8.81 -29.67 29.14
C GLY A 47 -10.30 -29.45 29.19
N VAL A 48 -10.73 -28.41 29.91
CA VAL A 48 -12.13 -28.02 29.95
C VAL A 48 -12.20 -26.53 29.70
N VAL A 49 -12.97 -26.12 28.70
CA VAL A 49 -13.05 -24.70 28.38
C VAL A 49 -14.51 -24.27 28.43
N HIS A 50 -14.73 -22.98 28.63
CA HIS A 50 -16.04 -22.37 28.41
C HIS A 50 -16.13 -21.73 27.04
N GLY A 51 -15.02 -21.42 26.43
CA GLY A 51 -15.11 -20.75 25.16
C GLY A 51 -15.16 -19.24 25.32
N VAL A 52 -14.41 -18.55 24.48
CA VAL A 52 -13.78 -19.15 23.33
C VAL A 52 -12.29 -19.44 23.60
N ALA A 53 -11.88 -20.69 23.50
CA ALA A 53 -10.48 -21.00 23.65
C ALA A 53 -9.82 -21.20 22.30
N THR A 54 -8.50 -21.38 22.34
CA THR A 54 -7.73 -21.86 21.18
C THR A 54 -6.46 -22.51 21.74
N VAL A 55 -6.44 -23.82 21.84
CA VAL A 55 -5.41 -24.52 22.56
C VAL A 55 -4.63 -25.36 21.55
N ALA A 56 -3.32 -25.42 21.68
CA ALA A 56 -2.51 -25.97 20.61
C ALA A 56 -1.12 -26.33 21.11
N GLU A 57 -0.32 -26.87 20.19
CA GLU A 57 1.10 -27.04 20.34
C GLU A 57 1.75 -26.93 18.97
N LYS A 58 2.99 -26.42 18.92
CA LYS A 58 3.83 -26.35 17.72
C LYS A 58 3.17 -25.54 16.61
N THR A 59 2.60 -24.41 16.98
CA THR A 59 1.62 -23.74 16.15
C THR A 59 2.08 -22.41 15.62
N LYS A 60 2.08 -22.25 14.29
CA LYS A 60 2.72 -21.04 13.78
C LYS A 60 1.88 -19.79 14.00
N GLU A 61 0.57 -19.83 13.80
CA GLU A 61 -0.22 -18.62 14.01
C GLU A 61 -1.47 -18.96 14.81
N GLN A 62 -1.94 -17.98 15.59
CA GLN A 62 -3.12 -18.12 16.44
C GLN A 62 -3.85 -16.80 16.52
N VAL A 63 -5.17 -16.85 16.41
CA VAL A 63 -6.03 -15.68 16.58
C VAL A 63 -7.23 -16.13 17.39
N THR A 64 -7.58 -15.37 18.42
CA THR A 64 -8.81 -15.58 19.16
C THR A 64 -9.55 -14.27 19.15
N ASN A 65 -10.82 -14.30 18.78
CA ASN A 65 -11.53 -13.04 18.69
C ASN A 65 -12.92 -13.23 19.27
N VAL A 66 -13.39 -12.20 19.96
CA VAL A 66 -14.78 -11.99 20.31
C VAL A 66 -14.98 -10.52 20.09
N GLY A 67 -15.76 -10.09 19.11
CA GLY A 67 -15.91 -8.66 18.93
C GLY A 67 -16.54 -8.22 17.62
N GLY A 68 -15.89 -7.29 16.93
CA GLY A 68 -14.47 -7.02 17.00
C GLY A 68 -13.71 -7.43 15.76
N ALA A 69 -12.48 -6.96 15.64
CA ALA A 69 -11.70 -7.19 14.43
C ALA A 69 -10.26 -7.53 14.78
N VAL A 70 -9.67 -8.41 13.98
CA VAL A 70 -8.27 -8.78 14.08
C VAL A 70 -7.73 -8.89 12.67
N VAL A 71 -6.66 -8.14 12.37
CA VAL A 71 -6.01 -8.19 11.07
C VAL A 71 -4.57 -8.58 11.30
N THR A 72 -4.19 -9.74 10.78
CA THR A 72 -2.85 -10.25 10.97
C THR A 72 -2.21 -10.60 9.65
N GLY A 73 -2.94 -10.51 8.55
CA GLY A 73 -2.45 -10.97 7.29
C GLY A 73 -2.07 -9.86 6.34
N VAL A 74 -1.28 -10.25 5.35
CA VAL A 74 -0.78 -9.35 4.33
C VAL A 74 -1.94 -8.85 3.49
N THR A 75 -1.99 -7.56 3.22
CA THR A 75 -3.14 -6.98 2.56
C THR A 75 -2.70 -5.78 1.75
N ALA A 76 -3.04 -5.75 0.47
CA ALA A 76 -2.67 -4.63 -0.37
C ALA A 76 -3.90 -4.15 -1.09
N VAL A 77 -4.25 -2.89 -0.91
CA VAL A 77 -5.37 -2.32 -1.63
C VAL A 77 -4.84 -1.14 -2.42
N ALA A 78 -5.05 -1.17 -3.72
CA ALA A 78 -4.73 -0.05 -4.57
C ALA A 78 -6.00 0.39 -5.23
N GLN A 79 -6.26 1.69 -5.24
CA GLN A 79 -7.59 2.14 -5.58
C GLN A 79 -7.49 3.53 -6.17
N LYS A 80 -8.37 3.84 -7.10
CA LYS A 80 -8.23 5.06 -7.88
C LYS A 80 -9.38 6.03 -7.73
N THR A 81 -10.61 5.55 -7.53
CA THR A 81 -11.73 6.46 -7.38
C THR A 81 -12.88 5.72 -6.72
N VAL A 82 -13.44 6.28 -5.65
CA VAL A 82 -14.59 5.72 -4.97
C VAL A 82 -15.66 6.79 -4.94
N GLU A 83 -16.85 6.43 -5.39
CA GLU A 83 -17.98 7.35 -5.41
C GLU A 83 -19.20 6.62 -4.90
N GLY A 84 -20.35 7.27 -4.96
CA GLY A 84 -21.60 6.62 -4.62
C GLY A 84 -21.90 6.69 -3.13
N ALA A 85 -23.18 6.56 -2.81
CA ALA A 85 -23.65 6.81 -1.45
C ALA A 85 -24.68 5.77 -1.04
N GLY A 86 -24.23 4.68 -0.41
CA GLY A 86 -22.84 4.47 -0.05
C GLY A 86 -22.41 3.04 -0.28
N SER A 87 -21.31 2.88 -1.00
CA SER A 87 -20.90 1.61 -1.54
C SER A 87 -19.67 1.09 -0.83
N ILE A 88 -19.74 -0.14 -0.33
CA ILE A 88 -18.58 -0.75 0.30
C ILE A 88 -17.68 -1.11 -0.88
N ALA A 89 -16.60 -0.36 -1.04
CA ALA A 89 -15.70 -0.53 -2.17
C ALA A 89 -14.91 -1.84 -2.09
N ALA A 90 -13.96 -1.92 -1.16
CA ALA A 90 -13.14 -3.12 -1.03
C ALA A 90 -13.13 -3.57 0.43
N ALA A 91 -13.94 -4.57 0.74
CA ALA A 91 -14.03 -5.08 2.09
C ALA A 91 -13.42 -6.48 2.18
N THR A 92 -12.51 -6.69 3.13
CA THR A 92 -11.94 -8.01 3.25
C THR A 92 -12.64 -8.84 4.33
N GLY A 93 -12.61 -8.40 5.56
CA GLY A 93 -13.35 -9.07 6.61
C GLY A 93 -14.31 -8.07 7.20
N PHE A 94 -15.60 -8.34 7.16
CA PHE A 94 -16.54 -7.27 7.31
C PHE A 94 -17.77 -7.84 7.98
N VAL A 95 -18.41 -7.03 8.81
CA VAL A 95 -19.60 -7.40 9.55
C VAL A 95 -20.41 -6.14 9.82
N LYS A 96 -21.64 -6.10 9.33
CA LYS A 96 -22.50 -4.95 9.52
C LYS A 96 -23.84 -5.37 10.11
N LYS A 97 -24.06 -5.01 11.38
CA LYS A 97 -25.30 -5.37 12.05
C LYS A 97 -26.04 -4.14 12.59
N ASP A 98 -26.27 -3.16 11.71
CA ASP A 98 -26.96 -1.94 12.09
C ASP A 98 -28.38 -2.26 12.56
N GLN A 99 -28.84 -1.52 13.57
CA GLN A 99 -30.18 -1.72 14.11
C GLN A 99 -31.04 -0.48 13.95
N LYS B 45 -6.70 -38.99 26.10
CA LYS B 45 -6.93 -37.61 26.51
C LYS B 45 -8.41 -37.36 26.70
N LYS B 46 -8.75 -36.23 27.31
CA LYS B 46 -10.12 -35.88 27.61
C LYS B 46 -10.33 -34.40 27.38
N GLY B 47 -11.48 -34.05 26.80
CA GLY B 47 -11.82 -32.66 26.58
C GLY B 47 -13.31 -32.42 26.61
N VAL B 48 -13.73 -31.37 27.29
CA VAL B 48 -15.14 -30.95 27.30
C VAL B 48 -15.17 -29.47 27.04
N VAL B 49 -15.93 -29.05 26.02
CA VAL B 49 -15.98 -27.63 25.67
C VAL B 49 -17.42 -27.19 25.70
N HIS B 50 -17.63 -25.89 25.89
CA HIS B 50 -18.93 -25.27 25.62
C HIS B 50 -18.98 -24.64 24.24
N GLY B 51 -17.85 -24.36 23.65
CA GLY B 51 -17.91 -23.68 22.38
C GLY B 51 -17.93 -22.18 22.53
N VAL B 52 -17.16 -21.51 21.69
CA VAL B 52 -16.51 -22.14 20.56
C VAL B 52 -15.04 -22.44 20.86
N ALA B 53 -14.65 -23.70 20.77
CA ALA B 53 -13.25 -24.03 20.97
C ALA B 53 -12.56 -24.26 19.63
N THR B 54 -11.25 -24.46 19.68
CA THR B 54 -10.46 -24.96 18.57
C THR B 54 -9.22 -25.62 19.15
N VAL B 55 -9.22 -26.93 19.25
CA VAL B 55 -8.21 -27.64 20.01
C VAL B 55 -7.44 -28.51 19.03
N ALA B 56 -6.13 -28.58 19.19
CA ALA B 56 -5.30 -29.16 18.14
C ALA B 56 -3.93 -29.53 18.66
N GLU B 57 -3.13 -30.08 17.76
CA GLU B 57 -1.70 -30.29 17.95
C GLU B 57 -1.03 -30.19 16.58
N LYS B 58 0.22 -29.71 16.56
CA LYS B 58 1.08 -29.66 15.38
C LYS B 58 0.46 -28.86 14.24
N THR B 59 -0.10 -27.71 14.59
CA THR B 59 -1.06 -27.04 13.74
C THR B 59 -0.55 -25.73 13.19
N LYS B 60 -0.53 -25.56 11.87
CA LYS B 60 0.14 -24.38 11.35
C LYS B 60 -0.69 -23.12 11.54
N GLU B 61 -1.99 -23.14 11.33
CA GLU B 61 -2.78 -21.92 11.50
C GLU B 61 -4.04 -22.23 12.28
N GLN B 62 -4.51 -21.24 13.04
CA GLN B 62 -5.71 -21.34 13.87
C GLN B 62 -6.42 -20.01 13.92
N VAL B 63 -7.73 -20.04 13.77
CA VAL B 63 -8.58 -18.86 13.93
C VAL B 63 -9.80 -19.28 14.72
N THR B 64 -10.16 -18.51 15.73
CA THR B 64 -11.42 -18.68 16.44
C THR B 64 -12.14 -17.36 16.40
N ASN B 65 -13.40 -17.38 16.01
CA ASN B 65 -14.09 -16.12 15.89
C ASN B 65 -15.49 -16.28 16.45
N VAL B 66 -15.96 -15.24 17.12
CA VAL B 66 -17.35 -14.99 17.43
C VAL B 66 -17.53 -13.52 17.20
N GLY B 67 -18.28 -13.10 16.19
CA GLY B 67 -18.39 -11.66 15.99
C GLY B 67 -18.99 -11.23 14.67
N GLY B 68 -18.32 -10.31 13.99
CA GLY B 68 -16.89 -10.07 14.08
C GLY B 68 -16.12 -10.51 12.87
N ALA B 69 -14.86 -10.05 12.75
CA ALA B 69 -14.07 -10.31 11.56
C ALA B 69 -12.64 -10.67 11.95
N VAL B 70 -12.06 -11.57 11.17
CA VAL B 70 -10.67 -11.95 11.30
C VAL B 70 -10.09 -12.08 9.91
N VAL B 71 -9.01 -11.37 9.62
CA VAL B 71 -8.35 -11.43 8.34
C VAL B 71 -6.92 -11.85 8.59
N THR B 72 -6.54 -13.02 8.10
CA THR B 72 -5.21 -13.55 8.32
C THR B 72 -4.55 -13.92 7.01
N GLY B 73 -5.26 -13.82 5.90
CA GLY B 73 -4.75 -14.31 4.65
C GLY B 73 -4.33 -13.22 3.69
N VAL B 74 -3.53 -13.63 2.73
CA VAL B 74 -2.99 -12.74 1.70
C VAL B 74 -4.14 -12.24 0.84
N THR B 75 -4.16 -10.96 0.55
CA THR B 75 -5.29 -10.36 -0.14
C THR B 75 -4.81 -9.18 -0.95
N ALA B 76 -5.13 -9.15 -2.23
CA ALA B 76 -4.73 -8.05 -3.09
C ALA B 76 -5.94 -7.56 -3.83
N VAL B 77 -6.27 -6.30 -3.67
CA VAL B 77 -7.36 -5.72 -4.42
C VAL B 77 -6.80 -4.56 -5.22
N ALA B 78 -6.99 -4.60 -6.51
CA ALA B 78 -6.62 -3.49 -7.37
C ALA B 78 -7.88 -3.04 -8.06
N GLN B 79 -8.12 -1.74 -8.08
CA GLN B 79 -9.43 -1.28 -8.47
C GLN B 79 -9.30 0.11 -9.06
N LYS B 80 -10.16 0.42 -10.02
CA LYS B 80 -9.98 1.63 -10.80
C LYS B 80 -11.13 2.62 -10.69
N THR B 81 -12.36 2.17 -10.51
CA THR B 81 -13.48 3.09 -10.39
C THR B 81 -14.64 2.38 -9.74
N VAL B 82 -15.21 2.96 -8.69
CA VAL B 82 -16.39 2.43 -8.02
C VAL B 82 -17.45 3.50 -8.02
N GLU B 83 -18.63 3.16 -8.50
CA GLU B 83 -19.74 4.10 -8.55
C GLU B 83 -20.99 3.38 -8.05
N GLY B 84 -22.12 4.06 -8.15
CA GLY B 84 -23.39 3.43 -7.83
C GLY B 84 -23.72 3.52 -6.35
N ALA B 85 -25.01 3.41 -6.05
CA ALA B 85 -25.49 3.69 -4.69
C ALA B 85 -26.55 2.66 -4.30
N GLY B 86 -26.13 1.58 -3.65
CA GLY B 86 -24.75 1.35 -3.26
C GLY B 86 -24.34 -0.09 -3.47
N SER B 87 -23.23 -0.26 -4.15
CA SER B 87 -22.82 -1.56 -4.68
C SER B 87 -21.61 -2.08 -3.93
N ILE B 88 -21.72 -3.31 -3.42
CA ILE B 88 -20.58 -3.93 -2.76
C ILE B 88 -19.66 -4.32 -3.92
N ALA B 89 -18.56 -3.59 -4.06
CA ALA B 89 -17.64 -3.79 -5.18
C ALA B 89 -16.87 -5.10 -5.07
N ALA B 90 -15.94 -5.18 -4.12
CA ALA B 90 -15.15 -6.39 -3.96
C ALA B 90 -15.18 -6.83 -2.51
N ALA B 91 -16.01 -7.82 -2.19
CA ALA B 91 -16.14 -8.31 -0.84
C ALA B 91 -15.55 -9.71 -0.72
N THR B 92 -14.67 -9.93 0.24
CA THR B 92 -14.11 -11.26 0.40
C THR B 92 -14.84 -12.06 1.46
N GLY B 93 -14.83 -11.60 2.70
CA GLY B 93 -15.60 -12.25 3.74
C GLY B 93 -16.56 -11.23 4.29
N PHE B 94 -17.85 -11.49 4.23
CA PHE B 94 -18.79 -10.40 4.35
C PHE B 94 -20.03 -10.95 5.00
N VAL B 95 -20.67 -10.11 5.82
CA VAL B 95 -21.88 -10.46 6.54
C VAL B 95 -22.68 -9.19 6.77
N LYS B 96 -23.90 -9.13 6.26
CA LYS B 96 -24.75 -7.96 6.42
C LYS B 96 -26.11 -8.35 6.99
N LYS B 97 -26.35 -7.98 8.24
CA LYS B 97 -27.60 -8.30 8.90
C LYS B 97 -28.32 -7.05 9.41
N ASP B 98 -28.53 -6.09 8.52
CA ASP B 98 -29.22 -4.86 8.87
C ASP B 98 -30.65 -5.14 9.32
N GLN B 99 -31.11 -4.39 10.30
CA GLN B 99 -32.46 -4.57 10.82
C GLN B 99 -33.30 -3.31 10.63
N LYS C 45 -5.06 21.39 -39.68
CA LYS C 45 -3.88 21.64 -38.86
C LYS C 45 -2.66 20.96 -39.46
N LYS C 46 -1.49 21.32 -38.96
CA LYS C 46 -0.24 20.79 -39.48
C LYS C 46 0.71 20.53 -38.31
N GLY C 47 1.44 19.41 -38.39
CA GLY C 47 2.42 19.09 -37.38
C GLY C 47 3.56 18.26 -37.93
N VAL C 48 4.78 18.62 -37.57
CA VAL C 48 5.97 17.85 -37.93
C VAL C 48 6.80 17.66 -36.68
N VAL C 49 7.11 16.41 -36.34
CA VAL C 49 7.86 16.15 -35.12
C VAL C 49 9.10 15.35 -35.49
N HIS C 50 10.12 15.44 -34.63
CA HIS C 50 11.23 14.51 -34.68
C HIS C 50 11.07 13.36 -33.71
N GLY C 51 10.24 13.53 -32.71
CA GLY C 51 10.13 12.47 -31.74
C GLY C 51 11.15 12.63 -30.62
N VAL C 52 10.68 12.40 -29.39
CA VAL C 52 9.38 11.82 -29.15
C VAL C 52 8.35 12.90 -28.78
N ALA C 53 7.28 13.01 -29.54
CA ALA C 53 6.24 13.95 -29.19
C ALA C 53 5.07 13.23 -28.54
N THR C 54 4.11 14.03 -28.07
CA THR C 54 2.80 13.52 -27.67
C THR C 54 1.83 14.69 -27.79
N VAL C 55 1.07 14.73 -28.87
CA VAL C 55 0.28 15.91 -29.21
C VAL C 55 -1.18 15.51 -29.15
N ALA C 56 -2.02 16.38 -28.62
CA ALA C 56 -3.37 15.97 -28.28
C ALA C 56 -4.29 17.17 -28.10
N GLU C 57 -5.54 16.87 -27.81
CA GLU C 57 -6.52 17.83 -27.33
C GLU C 57 -7.51 17.10 -26.43
N LYS C 58 -8.03 17.81 -25.42
CA LYS C 58 -9.09 17.31 -24.52
C LYS C 58 -8.67 16.06 -23.77
N THR C 59 -7.45 16.07 -23.27
CA THR C 59 -6.78 14.84 -22.90
C THR C 59 -6.54 14.72 -21.41
N LYS C 60 -7.02 13.66 -20.79
CA LYS C 60 -6.96 13.65 -19.33
C LYS C 60 -5.55 13.39 -18.81
N GLU C 61 -4.80 12.46 -19.38
CA GLU C 61 -3.46 12.20 -18.87
C GLU C 61 -2.47 12.11 -20.03
N GLN C 62 -1.23 12.51 -19.76
CA GLN C 62 -0.15 12.49 -20.74
C GLN C 62 1.16 12.18 -20.06
N VAL C 63 1.95 11.31 -20.67
CA VAL C 63 3.30 11.00 -20.21
C VAL C 63 4.19 10.94 -21.44
N THR C 64 5.34 11.59 -21.38
CA THR C 64 6.36 11.45 -22.39
C THR C 64 7.64 11.07 -21.70
N ASN C 65 8.29 10.03 -22.18
CA ASN C 65 9.47 9.57 -21.47
C ASN C 65 10.54 9.23 -22.51
N VAL C 66 11.77 9.55 -22.16
CA VAL C 66 12.98 9.01 -22.78
C VAL C 66 13.90 8.78 -21.60
N GLY C 67 14.22 7.54 -21.26
CA GLY C 67 15.10 7.35 -20.13
C GLY C 67 15.19 5.95 -19.59
N GLY C 68 15.01 5.79 -18.28
CA GLY C 68 14.27 6.69 -17.42
C GLY C 68 12.95 6.12 -16.93
N ALA C 69 12.35 6.75 -15.93
CA ALA C 69 11.16 6.22 -15.29
C ALA C 69 10.17 7.33 -15.02
N VAL C 70 8.89 6.99 -15.15
CA VAL C 70 7.79 7.89 -14.81
C VAL C 70 6.73 7.06 -14.12
N VAL C 71 6.34 7.46 -12.92
CA VAL C 71 5.30 6.79 -12.16
C VAL C 71 4.21 7.79 -11.88
N THR C 72 3.03 7.57 -12.43
CA THR C 72 1.93 8.48 -12.28
C THR C 72 0.70 7.77 -11.76
N GLY C 73 0.74 6.46 -11.62
CA GLY C 73 -0.44 5.70 -11.29
C GLY C 73 -0.45 5.19 -9.88
N VAL C 74 -1.66 4.84 -9.45
CA VAL C 74 -1.90 4.34 -8.11
C VAL C 74 -1.21 2.99 -7.95
N THR C 75 -0.54 2.79 -6.84
CA THR C 75 0.27 1.60 -6.67
C THR C 75 0.34 1.24 -5.20
N ALA C 76 0.02 0.01 -4.86
CA ALA C 76 0.05 -0.43 -3.48
C ALA C 76 0.84 -1.71 -3.41
N VAL C 77 1.89 -1.72 -2.63
CA VAL C 77 2.66 -2.94 -2.43
C VAL C 77 2.65 -3.24 -0.96
N ALA C 78 2.20 -4.41 -0.59
CA ALA C 78 2.27 -4.88 0.78
C ALA C 78 3.08 -6.14 0.79
N GLN C 79 4.02 -6.24 1.69
CA GLN C 79 5.00 -7.29 1.56
C GLN C 79 5.51 -7.67 2.94
N LYS C 80 5.86 -8.93 3.11
CA LYS C 80 6.15 -9.44 4.45
C LYS C 80 7.56 -9.95 4.63
N THR C 81 8.17 -10.52 3.59
CA THR C 81 9.53 -11.04 3.73
C THR C 81 10.14 -11.19 2.35
N VAL C 82 11.33 -10.63 2.14
CA VAL C 82 12.06 -10.76 0.89
C VAL C 82 13.43 -11.33 1.23
N GLU C 83 13.80 -12.41 0.55
CA GLU C 83 15.08 -13.05 0.77
C GLU C 83 15.68 -13.37 -0.59
N GLY C 84 16.80 -14.08 -0.59
CA GLY C 84 17.39 -14.55 -1.82
C GLY C 84 18.30 -13.52 -2.46
N ALA C 85 19.22 -14.01 -3.28
CA ALA C 85 20.29 -13.17 -3.81
C ALA C 85 20.52 -13.48 -5.29
N GLY C 86 19.86 -12.74 -6.18
CA GLY C 86 18.98 -11.64 -5.83
C GLY C 86 17.74 -11.63 -6.68
N SER C 87 16.59 -11.57 -6.02
CA SER C 87 15.31 -11.81 -6.63
C SER C 87 14.51 -10.53 -6.75
N ILE C 88 14.04 -10.21 -7.94
CA ILE C 88 13.19 -9.04 -8.13
C ILE C 88 11.86 -9.48 -7.55
N ALA C 89 11.51 -8.96 -6.38
CA ALA C 89 10.30 -9.35 -5.67
C ALA C 89 9.04 -8.87 -6.38
N ALA C 90 8.78 -7.56 -6.33
CA ALA C 90 7.58 -7.02 -6.96
C ALA C 90 7.96 -5.85 -7.86
N ALA C 91 8.03 -6.11 -9.16
CA ALA C 91 8.40 -5.08 -10.11
C ALA C 91 7.21 -4.69 -10.97
N THR C 92 6.91 -3.41 -11.06
CA THR C 92 5.78 -3.02 -11.90
C THR C 92 6.23 -2.58 -13.29
N GLY C 93 7.04 -1.54 -13.38
CA GLY C 93 7.60 -1.15 -14.66
C GLY C 93 9.09 -1.20 -14.54
N PHE C 94 9.76 -1.99 -15.35
CA PHE C 94 11.10 -2.39 -14.98
C PHE C 94 11.88 -2.58 -16.27
N VAL C 95 13.16 -2.25 -16.23
CA VAL C 95 14.06 -2.36 -17.37
C VAL C 95 15.47 -2.58 -16.84
N LYS C 96 16.08 -3.70 -17.21
CA LYS C 96 17.43 -4.00 -16.76
C LYS C 96 18.33 -4.31 -17.94
N LYS C 97 19.27 -3.42 -18.24
CA LYS C 97 20.17 -3.61 -19.36
C LYS C 97 21.63 -3.56 -18.91
N ASP C 98 21.98 -4.38 -17.92
CA ASP C 98 23.34 -4.42 -17.42
C ASP C 98 24.31 -4.88 -18.51
N GLN C 99 25.51 -4.31 -18.52
CA GLN C 99 26.52 -4.66 -19.51
C GLN C 99 27.76 -5.26 -18.86
N LYS D 45 -5.93 17.55 -42.71
CA LYS D 45 -4.77 17.78 -41.86
C LYS D 45 -3.55 17.07 -42.43
N LYS D 46 -2.38 17.42 -41.92
CA LYS D 46 -1.13 16.87 -42.41
C LYS D 46 -0.21 16.61 -41.23
N GLY D 47 0.50 15.49 -41.27
CA GLY D 47 1.46 15.15 -40.24
C GLY D 47 2.60 14.30 -40.76
N VAL D 48 3.83 14.65 -40.37
CA VAL D 48 5.00 13.86 -40.70
C VAL D 48 5.80 13.67 -39.44
N VAL D 49 6.08 12.42 -39.08
CA VAL D 49 6.81 12.15 -37.84
C VAL D 49 8.05 11.34 -38.18
N HIS D 50 9.05 11.41 -37.30
CA HIS D 50 10.15 10.46 -37.32
C HIS D 50 9.94 9.33 -36.33
N GLY D 51 9.10 9.53 -35.35
CA GLY D 51 8.96 8.48 -34.37
C GLY D 51 9.95 8.64 -33.23
N VAL D 52 9.47 8.43 -32.02
CA VAL D 52 8.15 7.87 -31.79
C VAL D 52 7.12 8.97 -31.45
N ALA D 53 6.08 9.09 -32.25
CA ALA D 53 5.04 10.05 -31.93
C ALA D 53 3.85 9.36 -31.29
N THR D 54 2.89 10.17 -30.84
CA THR D 54 1.56 9.70 -30.46
C THR D 54 0.61 10.87 -30.61
N VAL D 55 -0.12 10.92 -31.71
CA VAL D 55 -0.88 12.10 -32.08
C VAL D 55 -2.36 11.72 -32.05
N ALA D 56 -3.20 12.61 -31.54
CA ALA D 56 -4.56 12.23 -31.23
C ALA D 56 -5.46 13.44 -31.07
N GLU D 57 -6.72 13.17 -30.80
CA GLU D 57 -7.70 14.14 -30.35
C GLU D 57 -8.71 13.43 -29.47
N LYS D 58 -9.24 14.16 -28.47
CA LYS D 58 -10.32 13.71 -27.59
C LYS D 58 -9.94 12.45 -26.82
N THR D 59 -8.73 12.45 -26.29
CA THR D 59 -8.08 11.21 -25.89
C THR D 59 -7.87 11.11 -24.40
N LYS D 60 -8.38 10.05 -23.78
CA LYS D 60 -8.35 10.06 -22.32
C LYS D 60 -6.96 9.78 -21.76
N GLU D 61 -6.21 8.84 -22.32
CA GLU D 61 -4.88 8.57 -21.77
C GLU D 61 -3.88 8.45 -22.90
N GLN D 62 -2.63 8.82 -22.62
CA GLN D 62 -1.53 8.79 -23.58
C GLN D 62 -0.24 8.46 -22.87
N VAL D 63 0.55 7.58 -23.46
CA VAL D 63 1.87 7.25 -22.97
C VAL D 63 2.79 7.16 -24.17
N THR D 64 3.95 7.80 -24.10
CA THR D 64 4.99 7.63 -25.09
C THR D 64 6.25 7.23 -24.37
N ASN D 65 6.89 6.18 -24.83
CA ASN D 65 8.05 5.70 -24.10
C ASN D 65 9.13 5.34 -25.09
N VAL D 66 10.37 5.65 -24.73
CA VAL D 66 11.58 5.08 -25.32
C VAL D 66 12.47 4.85 -24.13
N GLY D 67 12.76 3.61 -23.77
CA GLY D 67 13.61 3.42 -22.61
C GLY D 67 13.67 2.03 -22.05
N GLY D 68 13.47 1.88 -20.74
CA GLY D 68 12.72 2.80 -19.91
C GLY D 68 11.39 2.26 -19.45
N ALA D 69 10.78 2.91 -18.45
CA ALA D 69 9.58 2.40 -17.84
C ALA D 69 8.58 3.53 -17.60
N VAL D 70 7.31 3.21 -17.75
CA VAL D 70 6.22 4.13 -17.44
C VAL D 70 5.12 3.32 -16.77
N VAL D 71 4.72 3.74 -15.58
CA VAL D 71 3.66 3.09 -14.83
C VAL D 71 2.58 4.12 -14.59
N THR D 72 1.41 3.90 -15.17
CA THR D 72 0.32 4.84 -15.04
C THR D 72 -0.94 4.15 -14.54
N GLY D 73 -0.92 2.85 -14.38
CA GLY D 73 -2.11 2.10 -14.07
C GLY D 73 -2.16 1.61 -12.64
N VAL D 74 -3.38 1.29 -12.23
CA VAL D 74 -3.66 0.80 -10.89
C VAL D 74 -2.99 -0.54 -10.71
N THR D 75 -2.34 -0.75 -9.58
CA THR D 75 -1.55 -1.95 -9.38
C THR D 75 -1.52 -2.29 -7.91
N ALA D 76 -1.88 -3.52 -7.56
CA ALA D 76 -1.87 -3.94 -6.18
C ALA D 76 -1.11 -5.24 -6.08
N VAL D 77 -0.06 -5.26 -5.28
CA VAL D 77 0.67 -6.48 -5.05
C VAL D 77 0.64 -6.76 -3.57
N ALA D 78 0.15 -7.92 -3.21
CA ALA D 78 0.18 -8.37 -1.82
C ALA D 78 0.98 -9.65 -1.80
N GLN D 79 1.91 -9.77 -0.86
CA GLN D 79 2.87 -10.83 -0.96
C GLN D 79 3.35 -11.19 0.42
N LYS D 80 3.68 -12.46 0.63
CA LYS D 80 3.93 -12.95 1.98
C LYS D 80 5.34 -13.48 2.18
N THR D 81 5.95 -14.08 1.17
CA THR D 81 7.30 -14.60 1.34
C THR D 81 7.94 -14.78 -0.03
N VAL D 82 9.14 -14.24 -0.22
CA VAL D 82 9.89 -14.41 -1.46
C VAL D 82 11.24 -14.99 -1.09
N GLU D 83 11.61 -16.08 -1.74
CA GLU D 83 12.88 -16.74 -1.49
C GLU D 83 13.49 -17.09 -2.83
N GLY D 84 14.60 -17.81 -2.80
CA GLY D 84 15.21 -18.30 -4.02
C GLY D 84 16.15 -17.30 -4.66
N ALA D 85 17.08 -17.81 -5.46
CA ALA D 85 18.18 -16.98 -5.97
C ALA D 85 18.43 -17.32 -7.43
N GLY D 86 17.80 -16.58 -8.35
CA GLY D 86 16.93 -15.47 -8.03
C GLY D 86 15.70 -15.45 -8.90
N SER D 87 14.54 -15.36 -8.27
CA SER D 87 13.26 -15.59 -8.91
C SER D 87 12.49 -14.29 -9.04
N ILE D 88 12.06 -13.98 -10.26
CA ILE D 88 11.22 -12.80 -10.47
C ILE D 88 9.87 -13.22 -9.91
N ALA D 89 9.52 -12.67 -8.76
CA ALA D 89 8.28 -13.04 -8.07
C ALA D 89 7.04 -12.55 -8.80
N ALA D 90 6.81 -11.24 -8.78
CA ALA D 90 5.63 -10.68 -9.43
C ALA D 90 6.04 -9.53 -10.33
N ALA D 91 6.13 -9.80 -11.63
CA ALA D 91 6.54 -8.79 -12.59
C ALA D 91 5.36 -8.40 -13.47
N THR D 92 5.09 -7.11 -13.60
CA THR D 92 3.99 -6.70 -14.46
C THR D 92 4.48 -6.30 -15.83
N GLY D 93 5.29 -5.27 -15.92
CA GLY D 93 5.88 -4.90 -17.20
C GLY D 93 7.38 -4.97 -17.04
N PHE D 94 8.04 -5.79 -17.83
CA PHE D 94 9.37 -6.20 -17.44
C PHE D 94 10.16 -6.42 -18.71
N VAL D 95 11.46 -6.10 -18.64
CA VAL D 95 12.37 -6.24 -19.76
C VAL D 95 13.77 -6.47 -19.20
N LYS D 96 14.37 -7.61 -19.55
CA LYS D 96 15.71 -7.93 -19.07
C LYS D 96 16.63 -8.27 -20.23
N LYS D 97 17.58 -7.39 -20.53
CA LYS D 97 18.51 -7.59 -21.62
C LYS D 97 19.96 -7.57 -21.15
N ASP D 98 20.27 -8.39 -20.14
CA ASP D 98 21.63 -8.45 -19.61
C ASP D 98 22.61 -8.93 -20.68
N GLN D 99 23.82 -8.38 -20.66
CA GLN D 99 24.83 -8.76 -21.63
C GLN D 99 26.05 -9.36 -20.95
N LYS E 45 -0.51 -32.83 30.83
CA LYS E 45 -0.76 -31.47 31.27
C LYS E 45 -2.25 -31.27 31.52
N LYS E 46 -2.59 -30.17 32.18
CA LYS E 46 -3.96 -29.87 32.54
C LYS E 46 -4.22 -28.39 32.34
N GLY E 47 -5.40 -28.06 31.83
CA GLY E 47 -5.79 -26.68 31.65
C GLY E 47 -7.29 -26.48 31.74
N VAL E 48 -7.72 -25.46 32.46
CA VAL E 48 -9.13 -25.09 32.54
C VAL E 48 -9.22 -23.59 32.31
N VAL E 49 -10.03 -23.18 31.33
CA VAL E 49 -10.13 -21.76 31.02
C VAL E 49 -11.60 -21.36 31.12
N HIS E 50 -11.82 -20.07 31.34
CA HIS E 50 -13.15 -19.49 31.14
C HIS E 50 -13.29 -18.84 29.78
N GLY E 51 -12.18 -18.50 29.16
CA GLY E 51 -12.31 -17.81 27.90
C GLY E 51 -12.38 -16.31 28.08
N VAL E 52 -11.66 -15.59 27.23
CA VAL E 52 -11.04 -16.17 26.06
C VAL E 52 -9.54 -16.44 26.29
N ALA E 53 -9.12 -17.68 26.16
CA ALA E 53 -7.71 -17.98 26.30
C ALA E 53 -7.07 -18.16 24.93
N THR E 54 -5.74 -18.31 24.93
CA THR E 54 -5.00 -18.76 23.76
C THR E 54 -3.71 -19.39 24.28
N VAL E 55 -3.67 -20.71 24.36
CA VAL E 55 -2.60 -21.41 25.06
C VAL E 55 -1.84 -22.22 24.03
N ALA E 56 -0.53 -22.26 24.13
CA ALA E 56 0.27 -22.79 23.04
C ALA E 56 1.68 -23.13 23.50
N GLU E 57 2.46 -23.63 22.55
CA GLU E 57 3.90 -23.79 22.68
C GLU E 57 4.51 -23.66 21.30
N LYS E 58 5.75 -23.12 21.24
CA LYS E 58 6.56 -23.03 20.02
C LYS E 58 5.86 -22.22 18.93
N THR E 59 5.29 -21.10 19.33
CA THR E 59 4.28 -20.44 18.53
C THR E 59 4.71 -19.10 17.99
N LYS E 60 4.68 -18.92 16.68
CA LYS E 60 5.29 -17.70 16.16
C LYS E 60 4.44 -16.46 16.42
N GLU E 61 3.12 -16.52 16.24
CA GLU E 61 2.32 -15.33 16.48
C GLU E 61 1.09 -15.69 17.30
N GLN E 62 0.63 -14.73 18.11
CA GLN E 62 -0.54 -14.90 18.97
C GLN E 62 -1.29 -13.59 19.09
N VAL E 63 -2.61 -13.66 19.00
CA VAL E 63 -3.48 -12.51 19.21
C VAL E 63 -4.65 -12.98 20.03
N THR E 64 -4.99 -12.25 21.07
CA THR E 64 -6.21 -12.47 21.82
C THR E 64 -6.97 -11.17 21.86
N ASN E 65 -8.25 -11.22 21.51
CA ASN E 65 -8.98 -9.97 21.44
C ASN E 65 -10.35 -10.20 22.06
N VAL E 66 -10.83 -9.18 22.78
CA VAL E 66 -12.21 -9.00 23.13
C VAL E 66 -12.44 -7.52 22.95
N GLY E 67 -13.24 -7.10 21.98
CA GLY E 67 -13.42 -5.67 21.81
C GLY E 67 -14.08 -5.22 20.54
N GLY E 68 -13.46 -4.27 19.84
CA GLY E 68 -12.04 -3.98 19.89
C GLY E 68 -11.29 -4.37 18.64
N ALA E 69 -10.06 -3.88 18.49
CA ALA E 69 -9.32 -4.08 17.25
C ALA E 69 -7.87 -4.40 17.57
N VAL E 70 -7.28 -5.26 16.75
CA VAL E 70 -5.87 -5.61 16.82
C VAL E 70 -5.35 -5.69 15.40
N VAL E 71 -4.31 -4.93 15.10
CA VAL E 71 -3.70 -4.96 13.78
C VAL E 71 -2.24 -5.32 13.98
N THR E 72 -1.85 -6.47 13.44
CA THR E 72 -0.50 -6.96 13.60
C THR E 72 0.13 -7.29 12.26
N GLY E 73 -0.63 -7.19 11.18
CA GLY E 73 -0.16 -7.63 9.88
C GLY E 73 0.19 -6.51 8.95
N VAL E 74 0.97 -6.88 7.94
CA VAL E 74 1.43 -5.95 6.92
C VAL E 74 0.24 -5.46 6.12
N THR E 75 0.17 -4.17 5.86
CA THR E 75 -1.00 -3.60 5.22
C THR E 75 -0.59 -2.38 4.42
N ALA E 76 -0.96 -2.35 3.16
CA ALA E 76 -0.63 -1.21 2.32
C ALA E 76 -1.89 -0.74 1.62
N VAL E 77 -2.25 0.51 1.82
CA VAL E 77 -3.39 1.07 1.14
C VAL E 77 -2.89 2.26 0.35
N ALA E 78 -3.13 2.25 -0.94
CA ALA E 78 -2.83 3.38 -1.79
C ALA E 78 -4.13 3.82 -2.42
N GLN E 79 -4.40 5.11 -2.40
CA GLN E 79 -5.74 5.53 -2.71
C GLN E 79 -5.69 6.94 -3.29
N LYS E 80 -6.59 7.25 -4.20
CA LYS E 80 -6.48 8.48 -4.97
C LYS E 80 -7.64 9.44 -4.78
N THR E 81 -8.86 8.94 -4.57
CA THR E 81 -10.00 9.82 -4.38
C THR E 81 -11.11 9.05 -3.70
N VAL E 82 -11.66 9.59 -2.62
CA VAL E 82 -12.79 9.00 -1.92
C VAL E 82 -13.88 10.05 -1.86
N GLU E 83 -15.08 9.69 -2.29
CA GLU E 83 -16.21 10.59 -2.28
C GLU E 83 -17.41 9.83 -1.75
N GLY E 84 -18.57 10.46 -1.79
CA GLY E 84 -19.80 9.79 -1.43
C GLY E 84 -20.08 9.84 0.07
N ALA E 85 -21.35 9.69 0.41
CA ALA E 85 -21.79 9.92 1.79
C ALA E 85 -22.80 8.84 2.20
N GLY E 86 -22.32 7.76 2.81
CA GLY E 86 -20.92 7.57 3.15
C GLY E 86 -20.48 6.16 2.88
N SER E 87 -19.38 6.02 2.14
CA SER E 87 -18.96 4.76 1.58
C SER E 87 -17.71 4.25 2.26
N ILE E 88 -17.75 3.02 2.75
CA ILE E 88 -16.58 2.41 3.35
C ILE E 88 -15.69 2.08 2.14
N ALA E 89 -14.63 2.85 1.98
CA ALA E 89 -13.74 2.70 0.82
C ALA E 89 -12.93 1.41 0.88
N ALA E 90 -11.97 1.34 1.78
CA ALA E 90 -11.12 0.15 1.88
C ALA E 90 -11.08 -0.32 3.33
N ALA E 91 -11.87 -1.34 3.65
CA ALA E 91 -11.92 -1.87 5.00
C ALA E 91 -11.29 -3.25 5.06
N THR E 92 -10.38 -3.46 5.99
CA THR E 92 -9.76 -4.78 6.09
C THR E 92 -10.44 -5.63 7.16
N GLY E 93 -10.38 -5.20 8.40
CA GLY E 93 -11.10 -5.89 9.45
C GLY E 93 -12.05 -4.92 10.07
N PHE E 94 -13.34 -5.21 10.05
CA PHE E 94 -14.30 -4.16 10.23
C PHE E 94 -15.50 -4.76 10.93
N VAL E 95 -16.14 -3.95 11.78
CA VAL E 95 -17.31 -4.36 12.54
C VAL E 95 -18.13 -3.11 12.83
N LYS E 96 -19.37 -3.10 12.36
CA LYS E 96 -20.26 -1.95 12.59
C LYS E 96 -21.57 -2.40 13.20
N LYS E 97 -21.78 -2.06 14.47
CA LYS E 97 -23.00 -2.43 15.18
C LYS E 97 -23.73 -1.22 15.73
N ASP E 98 -24.00 -0.25 14.88
CA ASP E 98 -24.71 0.96 15.29
C ASP E 98 -26.11 0.62 15.78
N GLN E 99 -26.57 1.33 16.80
CA GLN E 99 -27.89 1.10 17.37
C GLN E 99 -28.77 2.34 17.23
N LYS F 45 -3.45 28.91 -33.53
CA LYS F 45 -2.25 29.18 -32.74
C LYS F 45 -1.04 28.55 -33.40
N LYS F 46 0.14 28.95 -32.94
CA LYS F 46 1.39 28.47 -33.52
C LYS F 46 2.39 28.22 -32.40
N GLY F 47 3.15 27.14 -32.53
CA GLY F 47 4.18 26.83 -31.57
C GLY F 47 5.33 26.05 -32.17
N VAL F 48 6.55 26.45 -31.86
CA VAL F 48 7.75 25.73 -32.28
C VAL F 48 8.63 25.54 -31.06
N VAL F 49 9.00 24.30 -30.76
CA VAL F 49 9.80 24.03 -29.59
C VAL F 49 11.06 23.29 -30.02
N HIS F 50 12.10 23.38 -29.20
CA HIS F 50 13.25 22.50 -29.32
C HIS F 50 13.15 21.33 -28.36
N GLY F 51 12.36 21.46 -27.31
CA GLY F 51 12.34 20.38 -26.36
C GLY F 51 13.38 20.54 -25.29
N VAL F 52 12.98 20.27 -24.05
CA VAL F 52 11.71 19.64 -23.76
C VAL F 52 10.66 20.67 -23.33
N ALA F 53 9.56 20.75 -24.06
CA ALA F 53 8.50 21.66 -23.65
C ALA F 53 7.38 20.89 -22.96
N THR F 54 6.41 21.64 -22.44
CA THR F 54 5.13 21.09 -22.00
C THR F 54 4.12 22.22 -22.05
N VAL F 55 3.32 22.26 -23.10
CA VAL F 55 2.47 23.41 -23.39
C VAL F 55 1.03 22.97 -23.28
N ALA F 56 0.18 23.80 -22.70
CA ALA F 56 -1.14 23.33 -22.32
C ALA F 56 -2.08 24.49 -22.07
N GLU F 57 -3.32 24.14 -21.73
CA GLU F 57 -4.31 25.05 -21.21
C GLU F 57 -5.22 24.27 -20.27
N LYS F 58 -5.75 24.94 -19.24
CA LYS F 58 -6.75 24.40 -18.30
C LYS F 58 -6.25 23.14 -17.60
N THR F 59 -5.01 23.18 -17.15
CA THR F 59 -4.29 21.97 -16.82
C THR F 59 -3.98 21.84 -15.36
N LYS F 60 -4.41 20.74 -14.74
CA LYS F 60 -4.29 20.70 -13.28
C LYS F 60 -2.85 20.48 -12.81
N GLU F 61 -2.09 19.59 -13.44
CA GLU F 61 -0.73 19.37 -13.00
C GLU F 61 0.22 19.34 -14.18
N GLN F 62 1.47 19.77 -13.95
CA GLN F 62 2.51 19.81 -14.98
C GLN F 62 3.85 19.53 -14.35
N VAL F 63 4.64 18.71 -15.02
CA VAL F 63 6.01 18.43 -14.62
C VAL F 63 6.86 18.42 -15.88
N THR F 64 7.98 19.12 -15.86
CA THR F 64 8.97 19.04 -16.91
C THR F 64 10.29 18.68 -16.27
N ASN F 65 10.95 17.67 -16.80
CA ASN F 65 12.18 17.24 -16.16
C ASN F 65 13.21 16.96 -17.22
N VAL F 66 14.45 17.31 -16.92
CA VAL F 66 15.65 16.83 -17.59
C VAL F 66 16.62 16.61 -16.47
N GLY F 67 16.99 15.37 -16.17
CA GLY F 67 17.92 15.20 -15.07
C GLY F 67 18.08 13.78 -14.56
N GLY F 68 17.97 13.59 -13.25
CA GLY F 68 17.21 14.45 -12.35
C GLY F 68 15.95 13.83 -11.82
N ALA F 69 15.37 14.41 -10.77
CA ALA F 69 14.22 13.83 -10.11
C ALA F 69 13.21 14.90 -9.77
N VAL F 70 11.93 14.52 -9.86
CA VAL F 70 10.82 15.37 -9.46
C VAL F 70 9.81 14.49 -8.75
N VAL F 71 9.45 14.86 -7.52
CA VAL F 71 8.47 14.13 -6.74
C VAL F 71 7.36 15.09 -6.41
N THR F 72 6.17 14.83 -6.92
CA THR F 72 5.04 15.71 -6.70
C THR F 72 3.85 14.94 -6.15
N GLY F 73 3.95 13.64 -6.04
CA GLY F 73 2.81 12.83 -5.68
C GLY F 73 2.87 12.29 -4.27
N VAL F 74 1.70 11.89 -3.80
CA VAL F 74 1.52 11.35 -2.47
C VAL F 74 2.27 10.03 -2.37
N THR F 75 2.99 9.83 -1.28
CA THR F 75 3.85 8.66 -1.17
C THR F 75 3.99 8.28 0.28
N ALA F 76 3.72 7.03 0.61
CA ALA F 76 3.82 6.57 1.98
C ALA F 76 4.65 5.31 2.00
N VAL F 77 5.75 5.31 2.73
CA VAL F 77 6.55 4.12 2.87
C VAL F 77 6.61 3.80 4.34
N ALA F 78 6.21 2.59 4.70
CA ALA F 78 6.35 2.11 6.05
C ALA F 78 7.21 0.87 5.99
N GLN F 79 8.18 0.78 6.87
CA GLN F 79 9.20 -0.23 6.67
C GLN F 79 9.77 -0.61 8.02
N LYS F 80 10.18 -1.86 8.16
CA LYS F 80 10.53 -2.38 9.47
C LYS F 80 11.96 -2.85 9.57
N THR F 81 12.56 -3.39 8.51
CA THR F 81 13.93 -3.85 8.58
C THR F 81 14.50 -3.96 7.18
N VAL F 82 15.65 -3.35 6.94
CA VAL F 82 16.34 -3.44 5.66
C VAL F 82 17.73 -3.96 5.92
N GLU F 83 18.11 -5.02 5.22
CA GLU F 83 19.43 -5.61 5.37
C GLU F 83 19.98 -5.90 3.98
N GLY F 84 21.13 -6.55 3.92
CA GLY F 84 21.68 -6.98 2.66
C GLY F 84 22.53 -5.91 2.01
N ALA F 85 23.43 -6.35 1.14
CA ALA F 85 24.46 -5.46 0.59
C ALA F 85 24.63 -5.73 -0.90
N GLY F 86 23.91 -5.00 -1.75
CA GLY F 86 23.01 -3.94 -1.34
C GLY F 86 21.74 -3.95 -2.14
N SER F 87 20.62 -3.95 -1.44
CA SER F 87 19.32 -4.22 -2.02
C SER F 87 18.47 -2.96 -2.06
N ILE F 88 17.95 -2.63 -3.24
CA ILE F 88 17.05 -1.50 -3.36
C ILE F 88 15.76 -1.99 -2.74
N ALA F 89 15.44 -1.50 -1.54
CA ALA F 89 14.27 -1.95 -0.80
C ALA F 89 12.97 -1.50 -1.44
N ALA F 90 12.67 -0.21 -1.36
CA ALA F 90 11.43 0.31 -1.93
C ALA F 90 11.73 1.51 -2.81
N ALA F 91 11.76 1.28 -4.13
CA ALA F 91 12.05 2.34 -5.07
C ALA F 91 10.81 2.70 -5.88
N THR F 92 10.47 3.97 -5.94
CA THR F 92 9.30 4.35 -6.72
C THR F 92 9.69 4.82 -8.11
N GLY F 93 10.45 5.89 -8.21
CA GLY F 93 10.94 6.33 -9.50
C GLY F 93 12.44 6.33 -9.43
N PHE F 94 13.11 5.57 -10.29
CA PHE F 94 14.47 5.22 -9.99
C PHE F 94 15.20 5.08 -11.31
N VAL F 95 16.47 5.45 -11.30
CA VAL F 95 17.32 5.40 -12.48
C VAL F 95 18.76 5.22 -12.02
N LYS F 96 19.39 4.14 -12.43
CA LYS F 96 20.77 3.86 -12.04
C LYS F 96 21.64 3.60 -13.27
N LYS F 97 22.52 4.54 -13.57
CA LYS F 97 23.40 4.41 -14.74
C LYS F 97 24.87 4.50 -14.34
N ASP F 98 25.29 3.68 -13.39
CA ASP F 98 26.67 3.66 -12.94
C ASP F 98 27.60 3.26 -14.08
N GLN F 99 28.78 3.87 -14.12
CA GLN F 99 29.75 3.57 -15.16
C GLN F 99 31.04 3.01 -14.57
N LYS G 45 -4.20 25.19 -36.63
CA LYS G 45 -3.01 25.44 -35.82
C LYS G 45 -1.80 24.79 -36.45
N LYS G 46 -0.62 25.17 -35.98
CA LYS G 46 0.63 24.66 -36.52
C LYS G 46 1.61 24.40 -35.39
N GLY G 47 2.35 23.31 -35.49
CA GLY G 47 3.35 22.98 -34.50
C GLY G 47 4.49 22.18 -35.08
N VAL G 48 5.72 22.55 -34.75
CA VAL G 48 6.91 21.81 -35.14
C VAL G 48 7.77 21.61 -33.90
N VAL G 49 8.11 20.36 -33.59
CA VAL G 49 8.88 20.10 -32.39
C VAL G 49 10.13 19.34 -32.79
N HIS G 50 11.17 19.42 -31.95
CA HIS G 50 12.29 18.50 -32.04
C HIS G 50 12.16 17.35 -31.07
N GLY G 51 11.34 17.50 -30.04
CA GLY G 51 11.28 16.43 -29.09
C GLY G 51 12.31 16.59 -27.99
N VAL G 52 11.88 16.33 -26.76
CA VAL G 52 10.59 15.73 -26.49
C VAL G 52 9.55 16.79 -26.09
N ALA G 53 8.47 16.89 -26.84
CA ALA G 53 7.42 17.82 -26.46
C ALA G 53 6.27 17.08 -25.79
N THR G 54 5.31 17.85 -25.29
CA THR G 54 4.01 17.32 -24.87
C THR G 54 3.03 18.47 -24.95
N VAL G 55 2.24 18.52 -26.01
CA VAL G 55 1.43 19.68 -26.33
C VAL G 55 -0.02 19.26 -26.25
N ALA G 56 -0.87 20.12 -25.69
CA ALA G 56 -2.21 19.67 -25.33
C ALA G 56 -3.13 20.86 -25.11
N GLU G 57 -4.39 20.54 -24.80
CA GLU G 57 -5.37 21.47 -24.29
C GLU G 57 -6.32 20.71 -23.38
N LYS G 58 -6.84 21.40 -22.35
CA LYS G 58 -7.87 20.89 -21.44
C LYS G 58 -7.41 19.63 -20.71
N THR G 59 -6.18 19.65 -20.23
CA THR G 59 -5.48 18.43 -19.89
C THR G 59 -5.21 18.30 -18.41
N LYS G 60 -5.66 17.22 -17.78
CA LYS G 60 -5.58 17.20 -16.33
C LYS G 60 -4.15 16.95 -15.84
N GLU G 61 -3.41 16.05 -16.44
CA GLU G 61 -2.05 15.80 -15.97
C GLU G 61 -1.07 15.74 -17.14
N GLN G 62 0.16 16.15 -16.88
CA GLN G 62 1.23 16.17 -17.89
C GLN G 62 2.55 15.87 -17.24
N VAL G 63 3.35 15.02 -17.88
CA VAL G 63 4.70 14.72 -17.44
C VAL G 63 5.56 14.68 -18.70
N THR G 64 6.71 15.35 -18.65
CA THR G 64 7.71 15.24 -19.68
C THR G 64 9.02 14.86 -19.02
N ASN G 65 9.67 13.84 -19.52
CA ASN G 65 10.87 13.40 -18.85
C ASN G 65 11.92 13.09 -19.90
N VAL G 66 13.16 13.42 -19.58
CA VAL G 66 14.36 12.91 -20.22
C VAL G 66 15.31 12.68 -19.07
N GLY G 67 15.65 11.44 -18.76
CA GLY G 67 16.55 11.25 -17.64
C GLY G 67 16.68 9.85 -17.12
N GLY G 68 16.54 9.67 -15.80
CA GLY G 68 15.79 10.55 -14.92
C GLY G 68 14.49 9.96 -14.42
N ALA G 69 13.91 10.57 -13.38
CA ALA G 69 12.74 10.01 -12.73
C ALA G 69 11.73 11.10 -12.43
N VAL G 70 10.46 10.74 -12.54
CA VAL G 70 9.35 11.62 -12.17
C VAL G 70 8.31 10.77 -11.47
N VAL G 71 7.94 11.15 -10.25
CA VAL G 71 6.92 10.45 -9.50
C VAL G 71 5.83 11.44 -9.17
N THR G 72 4.65 11.19 -9.71
CA THR G 72 3.53 12.09 -9.53
C THR G 72 2.32 11.36 -8.99
N GLY G 73 2.39 10.05 -8.86
CA GLY G 73 1.23 9.26 -8.52
C GLY G 73 1.24 8.74 -7.11
N VAL G 74 0.05 8.37 -6.65
CA VAL G 74 -0.15 7.84 -5.31
C VAL G 74 0.55 6.50 -5.19
N THR G 75 1.26 6.31 -4.09
CA THR G 75 2.10 5.12 -3.96
C THR G 75 2.20 4.76 -2.49
N ALA G 76 1.90 3.52 -2.16
CA ALA G 76 1.97 3.07 -0.78
C ALA G 76 2.77 1.79 -0.75
N VAL G 77 3.85 1.78 0.02
CA VAL G 77 4.63 0.58 0.19
C VAL G 77 4.66 0.27 1.66
N ALA G 78 4.23 -0.92 2.02
CA ALA G 78 4.33 -1.39 3.38
C ALA G 78 5.16 -2.65 3.35
N GLN G 79 6.13 -2.75 4.24
CA GLN G 79 7.12 -3.78 4.08
C GLN G 79 7.67 -4.16 5.44
N LYS G 80 8.04 -5.42 5.61
CA LYS G 80 8.36 -5.94 6.92
C LYS G 80 9.78 -6.44 7.06
N THR G 81 10.38 -6.99 6.01
CA THR G 81 11.76 -7.47 6.12
C THR G 81 12.34 -7.60 4.73
N VAL G 82 13.51 -7.02 4.50
CA VAL G 82 14.21 -7.14 3.23
C VAL G 82 15.60 -7.69 3.54
N GLU G 83 15.98 -8.75 2.84
CA GLU G 83 17.27 -9.37 3.02
C GLU G 83 17.84 -9.68 1.65
N GLY G 84 18.98 -10.36 1.63
CA GLY G 84 19.55 -10.81 0.37
C GLY G 84 20.43 -9.76 -0.27
N ALA G 85 21.34 -10.22 -1.12
CA ALA G 85 22.38 -9.36 -1.66
C ALA G 85 22.60 -9.65 -3.14
N GLY G 86 21.91 -8.91 -4.01
CA GLY G 86 21.02 -7.83 -3.63
C GLY G 86 19.76 -7.84 -4.45
N SER G 87 18.62 -7.79 -3.77
CA SER G 87 17.33 -8.05 -4.37
C SER G 87 16.50 -6.78 -4.44
N ILE G 88 16.01 -6.45 -5.64
CA ILE G 88 15.14 -5.30 -5.79
C ILE G 88 13.82 -5.76 -5.18
N ALA G 89 13.49 -5.25 -4.00
CA ALA G 89 12.31 -5.68 -3.28
C ALA G 89 11.02 -5.21 -3.95
N ALA G 90 10.75 -3.91 -3.89
CA ALA G 90 9.53 -3.38 -4.48
C ALA G 90 9.87 -2.19 -5.38
N ALA G 91 9.91 -2.43 -6.69
CA ALA G 91 10.25 -1.38 -7.63
C ALA G 91 9.03 -1.01 -8.46
N THR G 92 8.71 0.27 -8.54
CA THR G 92 7.57 0.65 -9.34
C THR G 92 7.99 1.11 -10.74
N GLY G 93 8.78 2.16 -10.83
CA GLY G 93 9.30 2.58 -12.11
C GLY G 93 10.80 2.55 -12.02
N PHE G 94 11.46 1.78 -12.86
CA PHE G 94 12.81 1.40 -12.53
C PHE G 94 13.56 1.23 -13.83
N VAL G 95 14.85 1.58 -13.81
CA VAL G 95 15.72 1.49 -14.97
C VAL G 95 17.14 1.29 -14.47
N LYS G 96 17.77 0.20 -14.86
CA LYS G 96 19.13 -0.10 -14.45
C LYS G 96 20.02 -0.39 -15.65
N LYS G 97 20.92 0.54 -15.95
CA LYS G 97 21.82 0.37 -17.09
C LYS G 97 23.28 0.43 -16.68
N ASP G 98 23.66 -0.38 -15.70
CA ASP G 98 25.03 -0.42 -15.23
C ASP G 98 25.99 -0.85 -16.34
N GLN G 99 27.18 -0.26 -16.37
CA GLN G 99 28.17 -0.59 -17.38
C GLN G 99 29.43 -1.17 -16.76
N LYS H 45 -2.60 32.62 -30.48
CA LYS H 45 -1.39 32.90 -29.72
C LYS H 45 -0.18 32.30 -30.41
N LYS H 46 1.01 32.71 -29.97
CA LYS H 46 2.24 32.26 -30.58
C LYS H 46 3.27 32.01 -29.48
N GLY H 47 4.05 30.95 -29.63
CA GLY H 47 5.10 30.64 -28.69
C GLY H 47 6.24 29.89 -29.33
N VAL H 48 7.47 30.30 -29.03
CA VAL H 48 8.67 29.61 -29.48
C VAL H 48 9.57 29.41 -28.28
N VAL H 49 9.97 28.18 -28.01
CA VAL H 49 10.80 27.91 -26.84
C VAL H 49 12.07 27.20 -27.31
N HIS H 50 13.12 27.30 -26.50
CA HIS H 50 14.28 26.43 -26.66
C HIS H 50 14.22 25.25 -25.71
N GLY H 51 13.44 25.35 -24.64
CA GLY H 51 13.45 24.26 -23.72
C GLY H 51 14.51 24.44 -22.65
N VAL H 52 14.14 24.14 -21.41
CA VAL H 52 12.89 23.48 -21.11
C VAL H 52 11.83 24.50 -20.64
N ALA H 53 10.71 24.58 -21.35
CA ALA H 53 9.64 25.46 -20.91
C ALA H 53 8.55 24.66 -20.22
N THR H 54 7.58 25.38 -19.66
CA THR H 54 6.32 24.81 -19.20
C THR H 54 5.29 25.92 -19.23
N VAL H 55 4.46 25.96 -20.26
CA VAL H 55 3.60 27.11 -20.52
C VAL H 55 2.17 26.63 -20.40
N ALA H 56 1.31 27.45 -19.79
CA ALA H 56 0.01 26.95 -19.39
C ALA H 56 -0.95 28.09 -19.11
N GLU H 57 -2.17 27.73 -18.76
CA GLU H 57 -3.17 28.61 -18.20
C GLU H 57 -4.06 27.80 -17.27
N LYS H 58 -4.56 28.46 -16.21
CA LYS H 58 -5.54 27.89 -15.27
C LYS H 58 -5.01 26.63 -14.58
N THR H 59 -3.77 26.69 -14.15
CA THR H 59 -3.01 25.48 -13.86
C THR H 59 -2.68 25.33 -12.39
N LYS H 60 -3.07 24.23 -11.77
CA LYS H 60 -2.93 24.18 -10.32
C LYS H 60 -1.48 23.97 -9.89
N GLU H 61 -0.72 23.11 -10.54
CA GLU H 61 0.66 22.90 -10.12
C GLU H 61 1.58 22.90 -11.32
N GLN H 62 2.82 23.34 -11.11
CA GLN H 62 3.84 23.41 -12.16
C GLN H 62 5.20 23.16 -11.56
N VAL H 63 5.99 22.34 -12.25
CA VAL H 63 7.38 22.09 -11.87
C VAL H 63 8.20 22.10 -13.16
N THR H 64 9.31 22.82 -13.13
CA THR H 64 10.29 22.76 -14.22
C THR H 64 11.62 22.42 -13.60
N ASN H 65 12.30 21.43 -14.15
CA ASN H 65 13.53 21.01 -13.54
C ASN H 65 14.55 20.76 -14.63
N VAL H 66 15.79 21.13 -14.35
CA VAL H 66 16.98 20.68 -15.05
C VAL H 66 17.97 20.46 -13.94
N GLY H 67 18.37 19.22 -13.67
CA GLY H 67 19.33 19.05 -12.58
C GLY H 67 19.52 17.64 -12.10
N GLY H 68 19.43 17.42 -10.78
CA GLY H 68 18.69 18.26 -9.85
C GLY H 68 17.44 17.61 -9.32
N ALA H 69 16.88 18.18 -8.26
CA ALA H 69 15.75 17.57 -7.57
C ALA H 69 14.72 18.61 -7.20
N VAL H 70 13.45 18.22 -7.27
CA VAL H 70 12.32 19.04 -6.85
C VAL H 70 11.36 18.14 -6.12
N VAL H 71 11.01 18.49 -4.88
CA VAL H 71 10.05 17.74 -4.10
C VAL H 71 8.93 18.69 -3.72
N THR H 72 7.74 18.40 -4.22
CA THR H 72 6.60 19.26 -3.98
C THR H 72 5.43 18.48 -3.41
N GLY H 73 5.55 17.17 -3.32
CA GLY H 73 4.43 16.33 -2.95
C GLY H 73 4.53 15.79 -1.55
N VAL H 74 3.37 15.36 -1.05
CA VAL H 74 3.23 14.80 0.28
C VAL H 74 3.99 13.49 0.35
N THR H 75 4.74 13.29 1.42
CA THR H 75 5.62 12.13 1.50
C THR H 75 5.79 11.74 2.95
N ALA H 76 5.54 10.49 3.26
CA ALA H 76 5.69 10.01 4.62
C ALA H 76 6.53 8.76 4.61
N VAL H 77 7.64 8.78 5.32
CA VAL H 77 8.47 7.60 5.43
C VAL H 77 8.56 7.26 6.90
N ALA H 78 8.19 6.05 7.25
CA ALA H 78 8.36 5.55 8.60
C ALA H 78 9.23 4.33 8.51
N GLN H 79 10.23 4.24 9.37
CA GLN H 79 11.25 3.25 9.14
C GLN H 79 11.86 2.87 10.47
N LYS H 80 12.28 1.62 10.59
CA LYS H 80 12.67 1.09 11.89
C LYS H 80 14.12 0.64 11.97
N THR H 81 14.69 0.13 10.89
CA THR H 81 16.08 -0.31 10.93
C THR H 81 16.62 -0.40 9.52
N VAL H 82 17.77 0.24 9.26
CA VAL H 82 18.43 0.17 7.97
C VAL H 82 19.83 -0.34 8.20
N GLU H 83 20.21 -1.38 7.47
CA GLU H 83 21.54 -1.96 7.59
C GLU H 83 22.07 -2.20 6.19
N GLY H 84 23.22 -2.85 6.10
CA GLY H 84 23.76 -3.26 4.83
C GLY H 84 24.59 -2.15 4.17
N ALA H 85 25.48 -2.58 3.28
CA ALA H 85 26.48 -1.66 2.73
C ALA H 85 26.64 -1.92 1.23
N GLY H 86 25.89 -1.18 0.40
CA GLY H 86 24.98 -0.14 0.84
C GLY H 86 23.68 -0.17 0.06
N SER H 87 22.58 -0.19 0.78
CA SER H 87 21.28 -0.48 0.23
C SER H 87 20.41 0.77 0.21
N ILE H 88 19.86 1.10 -0.95
CA ILE H 88 18.94 2.22 -1.04
C ILE H 88 17.67 1.70 -0.40
N ALA H 89 17.37 2.17 0.80
CA ALA H 89 16.22 1.69 1.56
C ALA H 89 14.89 2.13 0.95
N ALA H 90 14.58 3.42 1.05
CA ALA H 90 13.32 3.91 0.52
C ALA H 90 13.58 5.13 -0.37
N ALA H 91 13.59 4.92 -1.68
CA ALA H 91 13.85 5.99 -2.62
C ALA H 91 12.59 6.34 -3.40
N THR H 92 12.23 7.60 -3.43
CA THR H 92 11.04 7.97 -4.19
C THR H 92 11.39 8.46 -5.58
N GLY H 93 12.13 9.55 -5.69
CA GLY H 93 12.60 10.01 -6.98
C GLY H 93 14.09 10.04 -6.94
N PHE H 94 14.75 9.30 -7.81
CA PHE H 94 16.12 8.96 -7.54
C PHE H 94 16.83 8.86 -8.88
N VAL H 95 18.10 9.25 -8.90
CA VAL H 95 18.94 9.21 -10.10
C VAL H 95 20.38 9.05 -9.65
N LYS H 96 21.03 7.98 -10.10
CA LYS H 96 22.41 7.73 -9.73
C LYS H 96 23.26 7.49 -10.97
N LYS H 97 24.12 8.46 -11.28
CA LYS H 97 24.98 8.36 -12.46
C LYS H 97 26.46 8.46 -12.11
N ASP H 98 26.90 7.64 -11.16
CA ASP H 98 28.29 7.64 -10.74
C ASP H 98 29.21 7.26 -11.90
N GLN H 99 30.38 7.90 -11.95
CA GLN H 99 31.35 7.63 -13.01
C GLN H 99 32.65 7.07 -12.45
N LYS I 45 5.71 -26.54 35.55
CA LYS I 45 5.43 -25.19 36.03
C LYS I 45 3.95 -25.05 36.34
N LYS I 46 3.60 -23.98 37.04
CA LYS I 46 2.23 -23.74 37.46
C LYS I 46 1.92 -22.26 37.31
N GLY I 47 0.70 -21.96 36.84
CA GLY I 47 0.26 -20.59 36.71
C GLY I 47 -1.24 -20.45 36.86
N VAL I 48 -1.68 -19.47 37.62
CA VAL I 48 -3.09 -19.15 37.76
C VAL I 48 -3.25 -17.66 37.57
N VAL I 49 -4.10 -17.24 36.63
CA VAL I 49 -4.26 -15.82 36.35
C VAL I 49 -5.74 -15.48 36.51
N HIS I 50 -6.00 -14.20 36.77
CA HIS I 50 -7.36 -13.67 36.64
C HIS I 50 -7.56 -12.99 35.30
N GLY I 51 -6.50 -12.60 34.64
CA GLY I 51 -6.70 -11.89 33.40
C GLY I 51 -6.81 -10.40 33.62
N VAL I 52 -6.15 -9.64 32.75
CA VAL I 52 -5.56 -10.17 31.55
C VAL I 52 -4.04 -10.39 31.73
N ALA I 53 -3.59 -11.61 31.56
CA ALA I 53 -2.16 -11.86 31.63
C ALA I 53 -1.56 -11.98 30.23
N THR I 54 -0.24 -12.10 30.18
CA THR I 54 0.48 -12.50 28.98
C THR I 54 1.80 -13.08 29.43
N VAL I 55 1.89 -14.41 29.49
CA VAL I 55 3.01 -15.08 30.12
C VAL I 55 3.75 -15.85 29.05
N ALA I 56 5.09 -15.84 29.09
CA ALA I 56 5.85 -16.32 27.96
C ALA I 56 7.28 -16.62 28.36
N GLU I 57 8.04 -17.08 27.38
CA GLU I 57 9.49 -17.19 27.45
C GLU I 57 10.04 -17.00 26.04
N LYS I 58 11.25 -16.43 25.95
CA LYS I 58 12.02 -16.28 24.70
C LYS I 58 11.25 -15.47 23.66
N THR I 59 10.66 -14.38 24.10
CA THR I 59 9.59 -13.74 23.35
C THR I 59 9.97 -12.37 22.83
N LYS I 60 9.87 -12.16 21.52
CA LYS I 60 10.42 -10.91 21.01
C LYS I 60 9.54 -9.71 21.32
N GLU I 61 8.22 -9.82 21.21
CA GLU I 61 7.38 -8.66 21.50
C GLU I 61 6.20 -9.08 22.36
N GLN I 62 5.73 -8.16 23.20
CA GLN I 62 4.61 -8.38 24.10
C GLN I 62 3.82 -7.10 24.27
N VAL I 63 2.51 -7.21 24.23
CA VAL I 63 1.60 -6.10 24.50
C VAL I 63 0.48 -6.64 25.36
N THR I 64 0.15 -5.94 26.43
CA THR I 64 -1.03 -6.22 27.22
C THR I 64 -1.83 -4.95 27.31
N ASN I 65 -3.12 -5.03 27.01
CA ASN I 65 -3.90 -3.81 27.00
C ASN I 65 -5.23 -4.09 27.66
N VAL I 66 -5.71 -3.12 28.41
CA VAL I 66 -7.09 -2.98 28.83
C VAL I 66 -7.37 -1.51 28.69
N GLY I 67 -8.23 -1.10 27.76
CA GLY I 67 -8.46 0.33 27.64
C GLY I 67 -9.18 0.77 26.39
N GLY I 68 -8.63 1.77 25.70
CA GLY I 68 -7.22 2.10 25.70
C GLY I 68 -6.51 1.76 24.40
N ALA I 69 -5.31 2.31 24.22
CA ALA I 69 -4.60 2.16 22.96
C ALA I 69 -3.13 1.88 23.21
N VAL I 70 -2.55 1.05 22.35
CA VAL I 70 -1.12 0.76 22.36
C VAL I 70 -0.66 0.72 20.92
N VAL I 71 0.35 1.52 20.59
CA VAL I 71 0.92 1.55 19.26
C VAL I 71 2.40 1.22 19.38
N THR I 72 2.80 0.11 18.81
CA THR I 72 4.17 -0.34 18.90
C THR I 72 4.74 -0.61 17.53
N GLY I 73 3.95 -0.52 16.48
CA GLY I 73 4.38 -0.92 15.17
C GLY I 73 4.65 0.23 14.24
N VAL I 74 5.41 -0.08 13.20
CA VAL I 74 5.80 0.88 12.18
C VAL I 74 4.56 1.33 11.43
N THR I 75 4.44 2.63 11.21
CA THR I 75 3.22 3.17 10.63
C THR I 75 3.56 4.42 9.84
N ALA I 76 3.14 4.48 8.59
CA ALA I 76 3.41 5.64 7.76
C ALA I 76 2.10 6.07 7.14
N VAL I 77 1.71 7.30 7.37
CA VAL I 77 0.52 7.84 6.74
C VAL I 77 0.94 9.06 5.96
N ALA I 78 0.66 9.07 4.68
CA ALA I 78 0.88 10.24 3.85
C ALA I 78 -0.46 10.63 3.28
N GLN I 79 -0.77 11.90 3.33
CA GLN I 79 -2.13 12.30 3.07
C GLN I 79 -2.14 13.71 2.53
N LYS I 80 -3.10 14.01 1.66
CA LYS I 80 -3.05 15.26 0.91
C LYS I 80 -4.25 16.16 1.18
N THR I 81 -5.43 15.62 1.42
CA THR I 81 -6.59 16.46 1.67
C THR I 81 -7.65 15.65 2.37
N VAL I 82 -8.17 16.15 3.49
CA VAL I 82 -9.25 15.50 4.22
C VAL I 82 -10.38 16.51 4.34
N GLU I 83 -11.58 16.11 3.94
CA GLU I 83 -12.74 16.98 4.02
C GLU I 83 -13.90 16.15 4.58
N GLY I 84 -15.08 16.75 4.60
CA GLY I 84 -16.27 16.03 4.99
C GLY I 84 -16.49 16.04 6.50
N ALA I 85 -17.74 15.83 6.89
CA ALA I 85 -18.13 16.02 8.29
C ALA I 85 -19.09 14.90 8.71
N GLY I 86 -18.54 13.82 9.28
CA GLY I 86 -17.14 13.67 9.56
C GLY I 86 -16.65 12.29 9.24
N SER I 87 -15.58 12.20 8.46
CA SER I 87 -15.14 10.97 7.86
C SER I 87 -13.85 10.49 8.48
N ILE I 88 -13.82 9.25 8.94
CA ILE I 88 -12.61 8.67 9.48
C ILE I 88 -11.76 8.40 8.24
N ALA I 89 -10.73 9.21 8.05
CA ALA I 89 -9.88 9.11 6.85
C ALA I 89 -9.03 7.85 6.85
N ALA I 90 -8.02 7.79 7.72
CA ALA I 90 -7.15 6.63 7.76
C ALA I 90 -7.03 6.13 9.19
N ALA I 91 -7.77 5.08 9.51
CA ALA I 91 -7.75 4.52 10.86
C ALA I 91 -7.07 3.16 10.87
N THR I 92 -6.11 2.96 11.75
CA THR I 92 -5.46 1.67 11.80
C THR I 92 -6.05 0.78 12.87
N GLY I 93 -5.97 1.18 14.13
CA GLY I 93 -6.61 0.44 15.19
C GLY I 93 -7.58 1.36 15.86
N PHE I 94 -8.86 1.03 15.89
CA PHE I 94 -9.85 2.05 16.13
C PHE I 94 -11.00 1.40 16.85
N VAL I 95 -11.62 2.15 17.75
CA VAL I 95 -12.75 1.69 18.54
C VAL I 95 -13.60 2.90 18.90
N LYS I 96 -14.86 2.89 18.48
CA LYS I 96 -15.77 4.00 18.76
C LYS I 96 -17.04 3.49 19.41
N LYS I 97 -17.21 3.79 20.70
CA LYS I 97 -18.39 3.36 21.44
C LYS I 97 -19.15 4.53 22.05
N ASP I 98 -19.48 5.52 21.22
CA ASP I 98 -20.22 6.68 21.69
C ASP I 98 -21.59 6.29 22.23
N GLN I 99 -22.02 6.97 23.28
CA GLN I 99 -23.32 6.68 23.89
C GLN I 99 -24.24 7.88 23.82
N LYS J 45 2.66 -29.65 33.29
CA LYS J 45 2.39 -28.30 33.76
C LYS J 45 0.90 -28.12 34.03
N LYS J 46 0.56 -27.03 34.71
CA LYS J 46 -0.82 -26.78 35.10
C LYS J 46 -1.11 -25.29 34.93
N GLY J 47 -2.30 -24.98 34.43
CA GLY J 47 -2.72 -23.61 34.28
C GLY J 47 -4.22 -23.45 34.38
N VAL J 48 -4.66 -22.44 35.13
CA VAL J 48 -6.07 -22.09 35.25
C VAL J 48 -6.20 -20.60 35.03
N VAL J 49 -7.03 -20.20 34.08
CA VAL J 49 -7.17 -18.78 33.77
C VAL J 49 -8.63 -18.40 33.90
N HIS J 50 -8.89 -17.12 34.14
CA HIS J 50 -10.23 -16.57 33.98
C HIS J 50 -10.40 -15.90 32.62
N GLY J 51 -9.31 -15.54 31.97
CA GLY J 51 -9.48 -14.84 30.73
C GLY J 51 -9.57 -13.33 30.93
N VAL J 52 -8.89 -12.60 30.06
CA VAL J 52 -8.28 -13.16 28.88
C VAL J 52 -6.77 -13.40 29.09
N ALA J 53 -6.34 -14.64 28.93
CA ALA J 53 -4.90 -14.90 29.04
C ALA J 53 -4.29 -15.05 27.66
N THR J 54 -2.97 -15.18 27.63
CA THR J 54 -2.23 -15.61 26.45
C THR J 54 -0.93 -16.22 26.94
N VAL J 55 -0.86 -17.53 27.00
CA VAL J 55 0.24 -18.22 27.67
C VAL J 55 0.99 -19.01 26.62
N ALA J 56 2.32 -19.02 26.71
CA ALA J 56 3.10 -19.53 25.59
C ALA J 56 4.52 -19.84 26.01
N GLU J 57 5.29 -20.33 25.05
CA GLU J 57 6.74 -20.46 25.15
C GLU J 57 7.31 -20.30 23.76
N LYS J 58 8.54 -19.74 23.68
CA LYS J 58 9.33 -19.62 22.45
C LYS J 58 8.60 -18.81 21.38
N THR J 59 8.01 -17.71 21.79
CA THR J 59 6.96 -17.07 21.02
C THR J 59 7.37 -15.71 20.49
N LYS J 60 7.31 -15.52 19.17
CA LYS J 60 7.89 -14.27 18.67
C LYS J 60 7.01 -13.05 18.94
N GLU J 61 5.70 -13.15 18.80
CA GLU J 61 4.86 -11.97 19.06
C GLU J 61 3.67 -12.36 19.90
N GLN J 62 3.19 -11.42 20.73
CA GLN J 62 2.05 -11.62 21.60
C GLN J 62 1.28 -10.32 21.75
N VAL J 63 -0.04 -10.41 21.68
CA VAL J 63 -0.92 -9.29 21.92
C VAL J 63 -2.07 -9.80 22.76
N THR J 64 -2.41 -9.07 23.82
CA THR J 64 -3.61 -9.33 24.60
C THR J 64 -4.40 -8.05 24.65
N ASN J 65 -5.67 -8.11 24.33
CA ASN J 65 -6.43 -6.88 24.29
C ASN J 65 -7.78 -7.14 24.92
N VAL J 66 -8.26 -6.14 25.66
CA VAL J 66 -9.65 -5.98 26.05
C VAL J 66 -9.91 -4.51 25.88
N GLY J 67 -10.74 -4.10 24.93
CA GLY J 67 -10.94 -2.67 24.79
C GLY J 67 -11.63 -2.23 23.52
N GLY J 68 -11.06 -1.25 22.82
CA GLY J 68 -9.64 -0.94 22.84
C GLY J 68 -8.91 -1.30 21.57
N ALA J 69 -7.69 -0.78 21.40
CA ALA J 69 -6.96 -0.96 20.16
C ALA J 69 -5.50 -1.26 20.45
N VAL J 70 -4.92 -2.10 19.60
CA VAL J 70 -3.50 -2.42 19.65
C VAL J 70 -3.00 -2.48 18.21
N VAL J 71 -1.98 -1.70 17.90
CA VAL J 71 -1.39 -1.69 16.57
C VAL J 71 0.08 -2.04 16.73
N THR J 72 0.47 -3.17 16.18
CA THR J 72 1.83 -3.63 16.31
C THR J 72 2.44 -3.94 14.94
N GLY J 73 1.67 -3.85 13.89
CA GLY J 73 2.12 -4.27 12.58
C GLY J 73 2.42 -3.14 11.65
N VAL J 74 3.20 -3.47 10.62
CA VAL J 74 3.62 -2.53 9.60
C VAL J 74 2.40 -2.06 8.82
N THR J 75 2.31 -0.77 8.58
CA THR J 75 1.11 -0.21 7.97
C THR J 75 1.48 1.02 7.19
N ALA J 76 1.08 1.06 5.92
CA ALA J 76 1.38 2.21 5.08
C ALA J 76 0.10 2.66 4.42
N VAL J 77 -0.28 3.90 4.63
CA VAL J 77 -1.45 4.45 3.98
C VAL J 77 -0.99 5.66 3.19
N ALA J 78 -1.25 5.65 1.91
CA ALA J 78 -0.99 6.79 1.07
C ALA J 78 -2.31 7.21 0.47
N GLN J 79 -2.61 8.49 0.49
CA GLN J 79 -3.97 8.90 0.21
C GLN J 79 -3.94 10.30 -0.35
N LYS J 80 -4.87 10.61 -1.24
CA LYS J 80 -4.80 11.85 -2.00
C LYS J 80 -5.98 12.77 -1.78
N THR J 81 -7.17 12.25 -1.55
CA THR J 81 -8.33 13.11 -1.33
C THR J 81 -9.42 12.32 -0.64
N VAL J 82 -9.95 12.84 0.46
CA VAL J 82 -11.06 12.22 1.17
C VAL J 82 -12.17 13.25 1.27
N GLU J 83 -13.36 12.86 0.85
CA GLU J 83 -14.52 13.75 0.89
C GLU J 83 -15.69 12.95 1.44
N GLY J 84 -16.86 13.57 1.43
CA GLY J 84 -18.07 12.86 1.81
C GLY J 84 -18.32 12.89 3.30
N ALA J 85 -19.58 12.72 3.67
CA ALA J 85 -20.01 12.93 5.06
C ALA J 85 -20.98 11.83 5.48
N GLY J 86 -20.47 10.75 6.07
CA GLY J 86 -19.06 10.58 6.37
C GLY J 86 -18.60 9.18 6.09
N SER J 87 -17.51 9.08 5.33
CA SER J 87 -17.08 7.82 4.74
C SER J 87 -15.80 7.33 5.41
N ILE J 88 -15.81 6.09 5.88
CA ILE J 88 -14.62 5.50 6.45
C ILE J 88 -13.75 5.20 5.23
N ALA J 89 -12.70 6.00 5.05
CA ALA J 89 -11.83 5.87 3.88
C ALA J 89 -11.00 4.60 3.89
N ALA J 90 -10.01 4.53 4.78
CA ALA J 90 -9.15 3.37 4.86
C ALA J 90 -9.07 2.88 6.31
N ALA J 91 -9.83 1.84 6.63
CA ALA J 91 -9.85 1.31 7.98
C ALA J 91 -9.19 -0.06 8.01
N THR J 92 -8.24 -0.27 8.92
CA THR J 92 -7.61 -1.57 8.99
C THR J 92 -8.25 -2.44 10.07
N GLY J 93 -8.18 -2.02 11.32
CA GLY J 93 -8.86 -2.74 12.38
C GLY J 93 -9.82 -1.79 13.02
N PHE J 94 -11.10 -2.10 13.03
CA PHE J 94 -12.08 -1.07 13.22
C PHE J 94 -13.26 -1.70 13.94
N VAL J 95 -13.90 -0.92 14.82
CA VAL J 95 -15.04 -1.35 15.60
C VAL J 95 -15.88 -0.13 15.92
N LYS J 96 -17.13 -0.12 15.47
CA LYS J 96 -18.03 1.00 15.72
C LYS J 96 -19.33 0.53 16.35
N LYS J 97 -19.51 0.84 17.63
CA LYS J 97 -20.71 0.43 18.34
C LYS J 97 -21.46 1.62 18.93
N ASP J 98 -21.76 2.60 18.08
CA ASP J 98 -22.49 3.80 18.53
C ASP J 98 -23.87 3.42 19.05
N GLN J 99 -24.32 4.12 20.08
CA GLN J 99 -25.63 3.86 20.67
C GLN J 99 -26.53 5.07 20.56
OAA 3LS K . -25.07 7.22 11.78
CAF 3LS K . -19.73 8.76 11.93
CAG 3LS K . -20.43 7.87 11.12
CAI 3LS K . -21.35 6.37 9.26
CAJ 3LS K . -21.59 5.56 8.15
CAL 3LS K . -22.47 3.93 6.35
CAM 3LS K . -23.16 3.05 5.54
CAO 3LS K . -24.05 1.43 3.74
CAR 3LS K . -25.07 -1.05 0.83
CAS 3LS K . -25.83 -2.02 -0.08
OAU 3LS K . -27.59 2.76 6.79
CAW 3LS K . -18.00 10.15 12.66
CAX 3LS K . -18.47 9.30 11.69
CAY 3LS K . -21.69 7.37 11.35
CAZ 3LS K . -22.19 6.55 10.34
CBA 3LS K . -20.74 5.35 7.07
CBB 3LS K . -21.22 4.48 6.11
CBH 3LS K . -23.57 5.91 10.42
CBI 3LS K . -25.19 2.79 7.07
CBL 3LS K . -26.56 2.10 7.08
CAC 3LS K . -18.54 11.21 14.99
CAD 3LS K . -18.83 10.36 13.75
CAP 3LS K . -24.24 0.60 2.65
OAB 3LS K . -17.46 11.83 15.09
OAT 3LS K . -25.33 -2.33 -1.20
OAV 3LS K . -19.41 11.29 15.91
SAE 3LS K . -20.24 9.41 13.45
SAH 3LS K . -19.92 7.27 9.59
SAK 3LS K . -22.98 4.59 7.86
SAN 3LS K . -22.66 2.43 4.02
SAQ 3LS K . -25.62 -0.38 2.31
CBC 3LS K . -24.39 2.47 5.81
CBD 3LS K . -24.87 1.60 4.84
CBE 3LS K . -23.38 0.36 1.60
CBF 3LS K . -23.81 -0.52 0.62
CBJ 3LS K . -24.29 6.24 11.73
OBG 3LS K . -26.93 -2.50 0.29
OBK 3LS K . -24.10 5.52 12.75
OBM 3LS K . -26.65 0.89 7.38
OAA 3LS L . -21.30 -4.23 25.19
CAF 3LS L . -16.12 -5.20 27.26
CAG 3LS L . -16.91 -5.82 26.30
CAI 3LS L . -17.96 -7.31 24.49
CAJ 3LS L . -18.36 -8.30 23.62
CAL 3LS L . -19.50 -9.84 21.88
CAM 3LS L . -20.29 -10.47 20.93
CAO 3LS L . -21.42 -12.00 19.19
CAR 3LS L . -22.95 -14.63 16.66
CAS 3LS L . -23.80 -15.33 15.60
OAU 3LS L . -23.13 -7.66 18.80
CAW 3LS L . -14.39 -4.88 28.80
CAX 3LS L . -14.99 -5.71 27.87
CAY 3LS L . -18.04 -5.29 25.68
CAZ 3LS L . -18.59 -6.09 24.70
CBA 3LS L . -17.74 -9.53 23.41
CBB 3LS L . -18.36 -10.35 22.48
CBH 3LS L . -19.83 -5.67 23.91
CBI 3LS L . -22.03 -8.61 20.73
CBL 3LS L . -23.26 -8.25 19.90
CAC 3LS L . -14.60 -2.59 30.02
CAD 3LS L . -15.01 -3.66 29.02
CAP 3LS L . -21.82 -13.03 18.37
OAB 3LS L . -13.59 -2.75 30.75
OAT 3LS L . -23.44 -16.45 15.14
OAV 3LS L . -15.27 -1.52 30.11
SAE 3LS L . -16.37 -3.64 27.96
SAH 3LS L . -16.63 -7.36 25.58
SAK 3LS L . -19.73 -8.28 22.57
SAN 3LS L . -20.02 -12.01 20.21
SAQ 3LS L . -23.18 -13.05 17.30
CBC 3LS L . -21.45 -9.97 20.36
CBD 3LS L . -22.06 -10.80 19.43
CBE 3LS L . -21.22 -14.27 18.20
CBF 3LS L . -21.82 -15.13 17.29
CBJ 3LS L . -20.36 -4.31 24.36
OBG 3LS L . -24.86 -14.80 15.18
OBK 3LS L . -19.85 -3.25 23.89
OBM 3LS L . -24.40 -8.57 20.31
OAA 3LS M . 27.30 -2.92 -8.33
CAF 3LS M . 24.25 0.00 -4.72
CAG 3LS M . 23.95 -1.07 -5.54
CAI 3LS M . 23.02 -3.16 -6.70
CAJ 3LS M . 22.29 -4.24 -7.16
CAL 3LS M . 21.30 -6.28 -8.42
CAM 3LS M . 21.00 -7.35 -9.26
CAO 3LS M . 20.01 -9.38 -10.49
CAR 3LS M . 18.20 -12.44 -12.23
CAS 3LS M . 17.85 -13.63 -13.11
OAU 3LS M . 24.63 -8.59 -11.80
CAW 3LS M . 24.04 1.56 -2.98
CAX 3LS M . 23.51 0.47 -3.64
CAY 3LS M . 24.71 -1.54 -6.60
CAZ 3LS M . 24.21 -2.67 -7.22
CBA 3LS M . 21.10 -4.74 -6.67
CBB 3LS M . 20.57 -5.82 -7.34
CBH 3LS M . 24.92 -3.34 -8.40
CBI 3LS M . 23.02 -7.10 -10.80
CBL 3LS M . 23.66 -7.81 -11.99
CAC 3LS M . 26.00 3.28 -3.00
CAD 3LS M . 25.23 2.06 -3.49
CAP 3LS M . 19.24 -10.42 -10.98
OAB 3LS M . 25.58 3.95 -2.02
OAT 3LS M . 16.84 -14.34 -12.85
OAV 3LS M . 27.08 3.62 -3.56
SAE 3LS M . 25.63 1.05 -4.83
SAH 3LS M . 22.59 -2.12 -5.40
SAK 3LS M . 22.68 -5.25 -8.52
SAN 3LS M . 19.64 -8.40 -9.12
SAQ 3LS M . 19.60 -11.45 -12.32
CBC 3LS M . 21.71 -7.77 -10.37
CBD 3LS M . 21.18 -8.86 -11.03
CBE 3LS M . 18.03 -10.87 -10.49
CBF 3LS M . 17.47 -11.95 -11.15
CBJ 3LS M . 26.19 -2.59 -8.80
OBG 3LS M . 18.56 -13.90 -14.12
OBK 3LS M . 26.12 -1.64 -9.63
OBM 3LS M . 23.21 -7.64 -13.15
OAA 3LS N . 24.37 10.25 -20.29
CAF 3LS N . 20.98 14.69 -19.42
CAG 3LS N . 20.80 13.45 -20.02
CAI 3LS N . 20.01 11.33 -21.23
CAJ 3LS N . 19.39 10.36 -22.00
CAL 3LS N . 18.67 8.26 -23.32
CAM 3LS N . 18.51 7.01 -23.92
CAO 3LS N . 17.77 4.92 -25.22
CAR 3LS N . 16.41 1.91 -27.41
CAS 3LS N . 16.21 0.55 -28.06
OAU 3LS N . 21.13 3.77 -22.16
CAW 3LS N . 20.54 16.92 -18.84
CAX 3LS N . 20.14 15.79 -19.53
CAY 3LS N . 21.64 12.35 -19.88
CAZ 3LS N . 21.20 11.21 -20.54
CBA 3LS N . 18.21 10.47 -22.71
CBB 3LS N . 17.82 9.34 -23.42
CBH 3LS N . 21.98 9.90 -20.49
CBI 3LS N . 20.66 5.98 -23.03
CBL 3LS N . 21.39 4.64 -23.04
CAC 3LS N . 22.43 17.89 -17.33
CAD 3LS N . 21.73 16.81 -18.13
CAP 3LS N . 17.18 3.98 -26.04
OAB 3LS N . 21.91 19.04 -17.24
OAT 3LS N . 15.16 0.32 -28.73
OAV 3LS N . 23.51 17.64 -16.73
SAE 3LS N . 22.27 15.19 -18.41
SAH 3LS N . 19.48 12.96 -21.00
SAK 3LS N . 19.96 8.75 -22.29
SAN 3LS N . 17.19 6.51 -24.90
SAQ 3LS N . 17.69 2.36 -26.35
CBC 3LS N . 19.38 5.93 -23.85
CBD 3LS N . 18.98 4.81 -24.56
CBE 3LS N . 16.01 4.13 -26.78
CBF 3LS N . 15.60 3.02 -27.51
CBJ 3LS N . 23.28 10.03 -19.68
OBG 3LS N . 17.09 -0.36 -27.96
OBK 3LS N . 23.26 9.90 -18.43
OBM 3LS N . 22.25 4.38 -23.93
#